data_1VGK
#
_entry.id   1VGK
#
_cell.length_a   89.082
_cell.length_b   110.389
_cell.length_c   47.015
_cell.angle_alpha   90.00
_cell.angle_beta   90.00
_cell.angle_gamma   90.00
#
_symmetry.space_group_name_H-M   'P 21 21 2'
#
loop_
_entity.id
_entity.type
_entity.pdbx_description
1 polymer 'H-2 class I histocompatibility antigen, K-D alpha chain'
2 polymer Beta-2-microglobulin
3 polymer syvntnmgl
4 water water
#
loop_
_entity_poly.entity_id
_entity_poly.type
_entity_poly.pdbx_seq_one_letter_code
_entity_poly.pdbx_strand_id
1 'polypeptide(L)'
;GPHSLRYFVTAVSRPGLGEPRFIAVGYVDDTQFVRFDSDADNPRFEPRAPWMEQEGPEYWEEQTQRAKSDEQWFRVSLRT
AQRYYNQSKGGSHTFQRMFGCDVGSDWRLLRGYQQFAYDGRDYIALNEDLKTWTAADTAALITRRKWEQAGDAEYYRAYL
EGECVEWLRRYLELGNETLLRTDSPKAHVTYHPRSQVDVTLRCWALGFYPADITLTWQLNGEDLTQDMELVETRPAGDGT
FQKWAAVVVPLGKEQNYTCHVHHKGLPEPLTLRW
;
A
2 'polypeptide(L)'
;IQRTPKIQVYSRHPAENGKSNFLNCYVSGFHPSDIEVDLLKNGERIEKVEHSDLSFSKDWSFYLLYYTEFTPTEKDEYAC
RVNHVTLSQPKIVKWDRDM
;
B
3 'polypeptide(L)' SYVNTNMGL C
#
# COMPACT_ATOMS: atom_id res chain seq x y z
N GLY A 1 9.58 -20.36 3.39
CA GLY A 1 8.83 -19.24 2.70
C GLY A 1 9.38 -17.86 3.03
N PRO A 2 9.34 -16.90 2.08
CA PRO A 2 9.88 -15.58 2.39
C PRO A 2 8.93 -14.67 3.17
N HIS A 3 9.48 -13.77 3.96
CA HIS A 3 8.63 -12.82 4.68
C HIS A 3 9.36 -11.52 4.62
N SER A 4 8.66 -10.43 4.88
CA SER A 4 9.33 -9.15 4.89
C SER A 4 8.86 -8.30 6.07
N LEU A 5 9.69 -7.35 6.46
CA LEU A 5 9.35 -6.40 7.51
C LEU A 5 9.60 -5.04 6.81
N ARG A 6 8.58 -4.19 6.71
CA ARG A 6 8.79 -2.90 6.03
C ARG A 6 8.18 -1.73 6.73
N TYR A 7 8.88 -0.59 6.70
CA TYR A 7 8.31 0.61 7.23
C TYR A 7 8.19 1.60 6.09
N PHE A 8 7.08 2.31 6.03
CA PHE A 8 6.81 3.32 5.03
C PHE A 8 6.63 4.62 5.81
N VAL A 9 7.52 5.56 5.52
CA VAL A 9 7.50 6.82 6.26
C VAL A 9 7.27 8.03 5.37
N THR A 10 6.37 8.90 5.80
CA THR A 10 6.04 10.09 5.03
C THR A 10 6.05 11.36 5.85
N ALA A 11 6.73 12.38 5.36
CA ALA A 11 6.77 13.72 6.01
C ALA A 11 6.29 14.69 4.94
N VAL A 12 5.36 15.56 5.29
CA VAL A 12 4.77 16.53 4.35
C VAL A 12 4.77 17.94 4.99
N SER A 13 5.52 18.88 4.43
CA SER A 13 5.52 20.20 5.04
C SER A 13 4.22 20.95 4.75
N ARG A 14 3.84 21.83 5.67
CA ARG A 14 2.62 22.61 5.52
C ARG A 14 2.93 24.03 6.00
N PRO A 15 3.66 24.77 5.16
CA PRO A 15 4.08 26.14 5.40
C PRO A 15 2.94 27.02 5.86
N GLY A 16 3.13 27.61 7.03
CA GLY A 16 2.15 28.50 7.58
C GLY A 16 1.07 27.79 8.35
N LEU A 17 1.05 26.47 8.28
CA LEU A 17 0.02 25.71 8.97
C LEU A 17 0.60 24.75 9.99
N GLY A 18 1.85 24.98 10.40
CA GLY A 18 2.47 24.15 11.40
C GLY A 18 3.67 23.34 10.94
N GLU A 19 4.18 22.51 11.85
CA GLU A 19 5.31 21.62 11.59
C GLU A 19 4.84 20.55 10.58
N PRO A 20 5.77 19.93 9.85
CA PRO A 20 5.39 18.91 8.87
C PRO A 20 4.59 17.74 9.47
N ARG A 21 3.63 17.19 8.72
CA ARG A 21 2.96 16.03 9.27
C ARG A 21 3.97 14.88 9.09
N PHE A 22 4.07 14.02 10.10
CA PHE A 22 5.00 12.91 10.01
C PHE A 22 4.24 11.65 10.40
N ILE A 23 4.25 10.67 9.49
CA ILE A 23 3.55 9.39 9.71
C ILE A 23 4.45 8.21 9.37
N ALA A 24 4.42 7.17 10.21
CA ALA A 24 5.19 5.96 9.93
C ALA A 24 4.29 4.72 10.12
N VAL A 25 4.29 3.80 9.15
CA VAL A 25 3.52 2.59 9.38
C VAL A 25 4.43 1.42 9.13
N GLY A 26 4.27 0.34 9.89
CA GLY A 26 5.13 -0.79 9.69
C GLY A 26 4.26 -1.96 9.27
N TYR A 27 4.85 -2.84 8.46
CA TYR A 27 4.18 -4.04 7.94
C TYR A 27 5.05 -5.28 8.07
N VAL A 28 4.40 -6.42 8.27
CA VAL A 28 5.07 -7.69 8.22
C VAL A 28 4.27 -8.29 7.05
N ASP A 29 4.95 -8.59 5.95
CA ASP A 29 4.27 -9.11 4.74
C ASP A 29 3.17 -8.12 4.36
N ASP A 30 1.94 -8.57 4.18
CA ASP A 30 0.86 -7.64 3.85
C ASP A 30 -0.01 -7.27 5.05
N THR A 31 0.50 -7.45 6.27
CA THR A 31 -0.27 -7.14 7.46
C THR A 31 0.35 -5.94 8.21
N GLN A 32 -0.38 -4.83 8.30
CA GLN A 32 0.12 -3.65 9.00
C GLN A 32 0.18 -4.04 10.47
N PHE A 33 1.20 -3.60 11.20
CA PHE A 33 1.24 -3.98 12.61
C PHE A 33 1.53 -2.84 13.61
N VAL A 34 2.03 -1.68 13.13
CA VAL A 34 2.28 -0.52 13.99
C VAL A 34 2.07 0.72 13.18
N ARG A 35 1.91 1.85 13.88
CA ARG A 35 1.78 3.17 13.28
C ARG A 35 2.20 4.28 14.24
N PHE A 36 2.78 5.35 13.69
CA PHE A 36 3.12 6.55 14.46
C PHE A 36 2.59 7.70 13.62
N ASP A 37 1.76 8.56 14.22
CA ASP A 37 1.23 9.72 13.49
C ASP A 37 1.40 10.99 14.30
N SER A 38 2.18 11.92 13.79
CA SER A 38 2.46 13.16 14.52
C SER A 38 1.21 13.95 14.87
N ASP A 39 0.11 13.75 14.15
CA ASP A 39 -1.11 14.50 14.45
C ASP A 39 -2.10 13.80 15.40
N ALA A 40 -1.67 12.72 16.06
CA ALA A 40 -2.52 12.00 17.01
C ALA A 40 -2.51 12.83 18.28
N ASP A 41 -3.51 12.63 19.13
CA ASP A 41 -3.54 13.45 20.34
C ASP A 41 -2.24 13.32 21.13
N ASN A 42 -1.77 12.10 21.28
CA ASN A 42 -0.56 11.79 22.04
C ASN A 42 0.33 10.95 21.13
N PRO A 43 1.06 11.60 20.20
CA PRO A 43 1.94 10.89 19.24
C PRO A 43 2.89 9.83 19.75
N ARG A 44 2.59 8.58 19.41
CA ARG A 44 3.44 7.49 19.82
C ARG A 44 3.24 6.31 18.93
N PHE A 45 4.21 5.40 18.91
CA PHE A 45 4.04 4.19 18.16
C PHE A 45 2.99 3.37 18.87
N GLU A 46 2.04 2.86 18.08
CA GLU A 46 0.92 2.09 18.61
C GLU A 46 0.69 0.80 17.79
N PRO A 47 0.18 -0.27 18.43
CA PRO A 47 -0.07 -1.53 17.72
C PRO A 47 -1.25 -1.35 16.78
N ARG A 48 -1.19 -2.02 15.62
CA ARG A 48 -2.30 -1.97 14.66
C ARG A 48 -2.66 -3.42 14.21
N ALA A 49 -2.08 -4.40 14.88
CA ALA A 49 -2.43 -5.82 14.67
C ALA A 49 -2.58 -6.31 16.13
N PRO A 50 -3.59 -7.14 16.39
CA PRO A 50 -3.81 -7.63 17.75
C PRO A 50 -2.63 -8.33 18.43
N TRP A 51 -1.84 -9.06 17.66
CA TRP A 51 -0.74 -9.74 18.26
C TRP A 51 0.39 -8.85 18.77
N MET A 52 0.35 -7.53 18.51
CA MET A 52 1.40 -6.61 19.01
C MET A 52 1.09 -6.16 20.41
N GLU A 53 -0.16 -6.35 20.80
CA GLU A 53 -0.61 -5.99 22.14
C GLU A 53 0.23 -6.75 23.18
N GLN A 54 1.01 -7.72 22.71
CA GLN A 54 1.89 -8.51 23.58
C GLN A 54 3.23 -7.81 23.96
N GLU A 55 3.58 -6.74 23.27
CA GLU A 55 4.81 -6.07 23.55
C GLU A 55 4.59 -5.07 24.68
N GLY A 56 5.55 -5.04 25.60
CA GLY A 56 5.42 -4.16 26.73
C GLY A 56 5.86 -2.71 26.52
N PRO A 57 5.69 -1.87 27.56
CA PRO A 57 6.02 -0.45 27.63
C PRO A 57 7.39 -0.12 27.12
N GLU A 58 8.38 -0.95 27.42
CA GLU A 58 9.73 -0.63 27.01
C GLU A 58 9.94 -0.72 25.49
N TYR A 59 9.17 -1.57 24.85
CA TYR A 59 9.24 -1.71 23.41
C TYR A 59 8.63 -0.44 22.83
N TRP A 60 7.43 -0.09 23.28
CA TRP A 60 6.75 1.08 22.72
C TRP A 60 7.47 2.43 22.95
N GLU A 61 8.10 2.59 24.13
CA GLU A 61 8.83 3.84 24.46
C GLU A 61 10.02 4.00 23.54
N GLU A 62 10.77 2.91 23.36
CA GLU A 62 11.97 2.99 22.52
C GLU A 62 11.56 3.27 21.05
N GLN A 63 10.52 2.58 20.60
CA GLN A 63 10.05 2.77 19.22
C GLN A 63 9.60 4.23 18.97
N THR A 64 8.87 4.76 19.93
CA THR A 64 8.34 6.10 19.90
C THR A 64 9.49 7.08 19.84
N GLN A 65 10.53 6.85 20.65
CA GLN A 65 11.68 7.76 20.63
C GLN A 65 12.42 7.71 19.28
N ARG A 66 12.57 6.52 18.69
CA ARG A 66 13.22 6.42 17.38
C ARG A 66 12.38 7.22 16.37
N ALA A 67 11.07 7.13 16.50
CA ALA A 67 10.17 7.86 15.58
C ALA A 67 10.35 9.35 15.75
N LYS A 68 10.41 9.81 16.99
CA LYS A 68 10.54 11.25 17.22
C LYS A 68 11.87 11.77 16.77
N SER A 69 12.94 10.98 16.91
CA SER A 69 14.25 11.39 16.42
C SER A 69 14.20 11.48 14.89
N ASP A 70 13.56 10.50 14.24
CA ASP A 70 13.46 10.46 12.80
C ASP A 70 12.60 11.65 12.36
N GLU A 71 11.58 12.00 13.15
CA GLU A 71 10.75 13.14 12.78
C GLU A 71 11.54 14.45 12.59
N GLN A 72 12.50 14.68 13.48
CA GLN A 72 13.32 15.89 13.38
C GLN A 72 14.26 15.78 12.21
N TRP A 73 14.72 14.56 11.94
CA TRP A 73 15.61 14.34 10.80
C TRP A 73 14.84 14.78 9.54
N PHE A 74 13.54 14.46 9.48
CA PHE A 74 12.76 14.83 8.29
C PHE A 74 12.54 16.35 8.20
N ARG A 75 12.40 17.02 9.34
CA ARG A 75 12.22 18.48 9.31
C ARG A 75 13.46 19.11 8.71
N VAL A 76 14.59 18.58 9.11
CA VAL A 76 15.87 19.06 8.60
C VAL A 76 16.02 18.72 7.11
N SER A 77 15.67 17.48 6.74
CA SER A 77 15.80 17.00 5.36
C SER A 77 14.87 17.76 4.38
N LEU A 78 13.67 18.11 4.83
CA LEU A 78 12.79 18.92 3.95
C LEU A 78 13.45 20.29 3.65
N ARG A 79 14.06 20.89 4.67
CA ARG A 79 14.72 22.19 4.48
C ARG A 79 15.97 22.06 3.61
N THR A 80 16.77 21.02 3.85
CA THR A 80 17.96 20.81 3.06
C THR A 80 17.62 20.57 1.57
N ALA A 81 16.66 19.70 1.30
CA ALA A 81 16.28 19.40 -0.10
C ALA A 81 15.86 20.67 -0.82
N GLN A 82 15.09 21.51 -0.14
CA GLN A 82 14.61 22.75 -0.74
C GLN A 82 15.80 23.65 -1.13
N ARG A 83 16.85 23.60 -0.33
CA ARG A 83 18.09 24.34 -0.62
C ARG A 83 18.81 23.71 -1.83
N TYR A 84 19.07 22.39 -1.77
CA TYR A 84 19.76 21.67 -2.86
C TYR A 84 19.06 21.91 -4.22
N TYR A 85 17.73 21.89 -4.23
CA TYR A 85 16.98 22.09 -5.47
C TYR A 85 16.69 23.57 -5.72
N ASN A 86 17.22 24.44 -4.87
CA ASN A 86 17.02 25.86 -4.98
C ASN A 86 15.53 26.18 -5.25
N GLN A 87 14.65 25.68 -4.37
CA GLN A 87 13.21 25.89 -4.49
C GLN A 87 12.75 27.07 -3.67
N SER A 88 11.66 27.70 -4.09
CA SER A 88 11.14 28.86 -3.36
C SER A 88 10.55 28.34 -2.09
N LYS A 89 10.59 29.14 -1.04
CA LYS A 89 10.02 28.69 0.23
C LYS A 89 8.53 28.91 0.16
N GLY A 90 7.80 28.39 1.13
CA GLY A 90 6.36 28.56 1.11
C GLY A 90 5.71 27.37 0.43
N GLY A 91 6.48 26.60 -0.34
CA GLY A 91 5.93 25.44 -1.01
C GLY A 91 5.76 24.24 -0.06
N SER A 92 4.75 23.43 -0.32
CA SER A 92 4.49 22.24 0.50
C SER A 92 5.22 21.10 -0.21
N HIS A 93 6.08 20.38 0.50
CA HIS A 93 6.84 19.27 -0.10
C HIS A 93 6.72 17.96 0.68
N THR A 94 7.21 16.87 0.07
CA THR A 94 7.03 15.54 0.64
C THR A 94 8.36 14.80 0.62
N PHE A 95 8.68 14.15 1.74
CA PHE A 95 9.86 13.34 1.84
C PHE A 95 9.31 11.99 2.29
N GLN A 96 9.77 10.93 1.66
CA GLN A 96 9.32 9.57 1.98
C GLN A 96 10.54 8.69 2.20
N ARG A 97 10.38 7.69 3.06
CA ARG A 97 11.47 6.76 3.33
C ARG A 97 10.86 5.37 3.47
N MET A 98 11.52 4.36 2.91
CA MET A 98 11.03 3.00 3.05
C MET A 98 12.29 2.26 3.48
N PHE A 99 12.19 1.39 4.49
CA PHE A 99 13.34 0.61 4.93
C PHE A 99 12.81 -0.70 5.50
N GLY A 100 13.68 -1.71 5.52
CA GLY A 100 13.25 -2.98 6.08
C GLY A 100 14.02 -4.14 5.49
N CYS A 101 13.54 -5.36 5.72
CA CYS A 101 14.24 -6.53 5.30
C CYS A 101 13.35 -7.66 4.80
N ASP A 102 13.79 -8.32 3.74
CA ASP A 102 13.08 -9.49 3.22
C ASP A 102 13.99 -10.66 3.65
N VAL A 103 13.42 -11.75 4.14
CA VAL A 103 14.22 -12.92 4.49
C VAL A 103 13.80 -14.11 3.62
N GLY A 104 14.67 -15.11 3.53
CA GLY A 104 14.41 -16.28 2.72
C GLY A 104 13.93 -17.46 3.54
N SER A 105 14.03 -18.66 2.97
CA SER A 105 13.59 -19.89 3.64
C SER A 105 14.24 -20.10 4.99
N ASP A 106 15.53 -19.80 5.11
CA ASP A 106 16.23 -19.94 6.38
C ASP A 106 15.96 -18.75 7.27
N TRP A 107 14.99 -17.94 6.85
CA TRP A 107 14.62 -16.76 7.59
C TRP A 107 15.85 -15.92 7.95
N ARG A 108 16.79 -15.84 7.00
CA ARG A 108 18.01 -15.06 7.13
C ARG A 108 17.88 -13.94 6.07
N LEU A 109 18.58 -12.82 6.26
CA LEU A 109 18.47 -11.71 5.29
C LEU A 109 18.72 -12.11 3.85
N LEU A 110 17.84 -11.63 2.96
CA LEU A 110 17.83 -11.88 1.53
C LEU A 110 17.94 -10.54 0.77
N ARG A 111 17.29 -9.50 1.27
CA ARG A 111 17.39 -8.17 0.68
C ARG A 111 17.12 -7.14 1.76
N GLY A 112 18.06 -6.19 1.92
CA GLY A 112 17.88 -5.13 2.88
C GLY A 112 17.56 -3.83 2.12
N TYR A 113 16.72 -2.97 2.65
CA TYR A 113 16.35 -1.71 2.00
C TYR A 113 16.39 -0.52 2.92
N GLN A 114 16.74 0.63 2.35
CA GLN A 114 16.75 1.89 3.06
C GLN A 114 16.82 2.91 1.94
N GLN A 115 15.68 3.46 1.54
CA GLN A 115 15.75 4.39 0.42
C GLN A 115 14.81 5.58 0.60
N PHE A 116 14.99 6.61 -0.21
CA PHE A 116 14.18 7.81 -0.04
C PHE A 116 13.68 8.42 -1.35
N ALA A 117 12.61 9.20 -1.26
CA ALA A 117 12.02 9.91 -2.41
C ALA A 117 11.68 11.31 -1.95
N TYR A 118 11.83 12.27 -2.87
CA TYR A 118 11.50 13.67 -2.56
C TYR A 118 10.48 14.09 -3.61
N ASP A 119 9.36 14.60 -3.13
CA ASP A 119 8.24 15.01 -3.96
C ASP A 119 7.87 13.88 -4.90
N GLY A 120 7.86 12.67 -4.34
CA GLY A 120 7.47 11.51 -5.11
C GLY A 120 8.39 10.94 -6.18
N ARG A 121 9.63 11.42 -6.26
CA ARG A 121 10.62 10.89 -7.20
C ARG A 121 11.80 10.34 -6.40
N ASP A 122 12.42 9.27 -6.90
CA ASP A 122 13.57 8.68 -6.26
C ASP A 122 14.60 9.78 -5.91
N TYR A 123 15.19 9.68 -4.72
CA TYR A 123 16.22 10.63 -4.31
C TYR A 123 17.52 9.80 -4.14
N ILE A 124 17.53 8.88 -3.16
CA ILE A 124 18.74 8.09 -2.93
C ILE A 124 18.38 6.72 -2.35
N ALA A 125 19.08 5.68 -2.77
CA ALA A 125 18.73 4.35 -2.29
C ALA A 125 19.95 3.51 -1.92
N LEU A 126 19.87 2.76 -0.82
CA LEU A 126 20.97 1.90 -0.41
C LEU A 126 20.92 0.74 -1.39
N ASN A 127 22.06 0.38 -1.98
CA ASN A 127 22.06 -0.72 -2.94
C ASN A 127 22.03 -2.06 -2.23
N GLU A 128 21.69 -3.10 -3.00
CA GLU A 128 21.56 -4.43 -2.47
C GLU A 128 22.85 -4.92 -1.76
N ASP A 129 24.00 -4.34 -2.09
CA ASP A 129 25.22 -4.76 -1.39
C ASP A 129 25.25 -4.20 0.05
N LEU A 130 24.28 -3.34 0.37
CA LEU A 130 24.17 -2.71 1.67
C LEU A 130 25.43 -1.92 1.95
N LYS A 131 26.16 -1.55 0.91
CA LYS A 131 27.39 -0.77 1.11
C LYS A 131 27.39 0.52 0.29
N THR A 132 26.87 0.47 -0.91
CA THR A 132 26.90 1.66 -1.73
C THR A 132 25.51 2.27 -1.91
N TRP A 133 25.50 3.51 -2.40
CA TRP A 133 24.26 4.24 -2.65
C TRP A 133 24.04 4.64 -4.10
N THR A 134 22.78 4.56 -4.54
CA THR A 134 22.43 4.97 -5.88
C THR A 134 21.74 6.35 -5.71
N ALA A 135 22.41 7.41 -6.18
CA ALA A 135 21.84 8.75 -6.14
C ALA A 135 21.03 8.94 -7.44
N ALA A 136 19.81 9.43 -7.34
CA ALA A 136 18.94 9.60 -8.50
C ALA A 136 19.19 10.84 -9.41
N ASP A 137 19.79 11.88 -8.85
CA ASP A 137 20.10 13.11 -9.59
C ASP A 137 21.27 13.84 -8.92
N THR A 138 21.56 15.05 -9.39
CA THR A 138 22.68 15.82 -8.85
C THR A 138 22.54 16.20 -7.42
N ALA A 139 21.36 16.62 -7.01
CA ALA A 139 21.20 16.97 -5.60
C ALA A 139 21.57 15.74 -4.74
N ALA A 140 21.10 14.55 -5.15
CA ALA A 140 21.38 13.33 -4.36
C ALA A 140 22.88 12.94 -4.36
N LEU A 141 23.63 13.33 -5.39
CA LEU A 141 25.04 13.01 -5.40
C LEU A 141 25.69 13.80 -4.27
N ILE A 142 25.12 14.95 -3.93
CA ILE A 142 25.65 15.75 -2.80
C ILE A 142 25.47 14.93 -1.52
N THR A 143 24.26 14.39 -1.34
CA THR A 143 23.97 13.58 -0.16
C THR A 143 24.83 12.31 -0.21
N ARG A 144 24.97 11.73 -1.40
CA ARG A 144 25.76 10.51 -1.55
C ARG A 144 27.19 10.71 -1.08
N ARG A 145 27.83 11.82 -1.48
CA ARG A 145 29.21 12.10 -1.02
C ARG A 145 29.31 12.16 0.51
N LYS A 146 28.39 12.83 1.17
CA LYS A 146 28.42 12.90 2.63
C LYS A 146 28.33 11.52 3.27
N TRP A 147 27.40 10.70 2.77
CA TRP A 147 27.19 9.38 3.34
C TRP A 147 28.33 8.41 3.04
N GLU A 148 29.00 8.60 1.91
CA GLU A 148 30.11 7.74 1.51
C GLU A 148 31.38 8.05 2.30
N GLN A 149 31.45 9.24 2.88
CA GLN A 149 32.62 9.59 3.65
C GLN A 149 32.42 9.18 5.11
N ALA A 150 31.17 9.10 5.55
CA ALA A 150 30.93 8.71 6.93
C ALA A 150 31.28 7.25 7.19
N GLY A 151 30.56 6.37 6.50
CA GLY A 151 30.71 4.94 6.66
C GLY A 151 29.31 4.56 7.12
N ASP A 152 28.41 5.41 6.63
CA ASP A 152 26.98 5.37 6.88
C ASP A 152 26.32 4.04 6.49
N ALA A 153 26.68 3.55 5.33
CA ALA A 153 26.14 2.28 4.87
C ALA A 153 26.42 1.11 5.85
N GLU A 154 27.61 1.08 6.46
CA GLU A 154 27.97 -0.04 7.37
C GLU A 154 26.99 -0.14 8.53
N TYR A 155 26.55 1.02 8.98
CA TYR A 155 25.59 1.09 10.03
C TYR A 155 24.26 0.39 9.59
N TYR A 156 23.79 0.66 8.39
CA TYR A 156 22.52 0.06 7.96
C TYR A 156 22.64 -1.42 7.70
N ARG A 157 23.81 -1.83 7.24
CA ARG A 157 24.05 -3.23 6.98
C ARG A 157 23.97 -4.00 8.29
N ALA A 158 24.55 -3.45 9.36
CA ALA A 158 24.53 -4.15 10.65
C ALA A 158 23.10 -4.26 11.18
N TYR A 159 22.30 -3.23 10.99
CA TYR A 159 20.91 -3.28 11.43
C TYR A 159 20.08 -4.23 10.54
N LEU A 160 20.30 -4.21 9.23
CA LEU A 160 19.50 -5.06 8.33
C LEU A 160 19.80 -6.53 8.47
N GLU A 161 21.06 -6.84 8.71
CA GLU A 161 21.43 -8.24 8.85
C GLU A 161 21.22 -8.71 10.28
N GLY A 162 21.00 -7.77 11.20
CA GLY A 162 20.84 -8.15 12.60
C GLY A 162 19.47 -7.89 13.17
N GLU A 163 19.34 -6.76 13.85
CA GLU A 163 18.11 -6.33 14.50
C GLU A 163 16.88 -6.43 13.57
N CYS A 164 17.01 -6.02 12.29
CA CYS A 164 15.84 -6.12 11.41
C CYS A 164 15.28 -7.56 11.28
N VAL A 165 16.16 -8.51 10.95
CA VAL A 165 15.80 -9.90 10.77
C VAL A 165 15.42 -10.54 12.12
N GLU A 166 16.06 -10.13 13.19
CA GLU A 166 15.72 -10.69 14.51
C GLU A 166 14.34 -10.21 14.93
N TRP A 167 14.00 -8.95 14.65
CA TRP A 167 12.66 -8.52 15.05
C TRP A 167 11.60 -9.11 14.13
N LEU A 168 11.94 -9.26 12.85
CA LEU A 168 10.94 -9.88 11.94
C LEU A 168 10.64 -11.30 12.47
N ARG A 169 11.69 -12.05 12.81
CA ARG A 169 11.51 -13.41 13.31
C ARG A 169 10.63 -13.36 14.56
N ARG A 170 10.82 -12.33 15.40
CA ARG A 170 10.02 -12.21 16.63
C ARG A 170 8.57 -11.94 16.30
N TYR A 171 8.33 -11.06 15.33
CA TYR A 171 6.96 -10.75 14.93
C TYR A 171 6.26 -11.97 14.37
N LEU A 172 6.97 -12.77 13.57
CA LEU A 172 6.38 -14.00 13.00
C LEU A 172 6.04 -14.92 14.14
N GLU A 173 6.80 -14.88 15.22
CA GLU A 173 6.46 -15.72 16.38
C GLU A 173 5.21 -15.22 17.08
N LEU A 174 5.16 -13.91 17.32
CA LEU A 174 4.03 -13.34 17.97
C LEU A 174 2.72 -13.51 17.23
N GLY A 175 2.73 -13.38 15.90
CA GLY A 175 1.46 -13.48 15.17
C GLY A 175 1.36 -14.68 14.25
N ASN A 176 2.15 -15.68 14.58
CA ASN A 176 2.29 -16.91 13.81
C ASN A 176 1.03 -17.52 13.19
N GLU A 177 0.03 -17.73 14.04
CA GLU A 177 -1.19 -18.39 13.59
C GLU A 177 -2.08 -17.56 12.67
N THR A 178 -1.73 -16.29 12.43
CA THR A 178 -2.51 -15.47 11.50
C THR A 178 -1.59 -15.04 10.38
N LEU A 179 -0.34 -14.67 10.71
CA LEU A 179 0.63 -14.26 9.70
C LEU A 179 1.03 -15.40 8.71
N LEU A 180 1.18 -16.65 9.19
CA LEU A 180 1.60 -17.73 8.27
C LEU A 180 0.38 -18.41 7.61
N ARG A 181 -0.83 -18.09 8.03
CA ARG A 181 -1.96 -18.68 7.38
C ARG A 181 -2.08 -18.10 5.96
N THR A 182 -2.81 -18.81 5.10
CA THR A 182 -3.16 -18.29 3.77
C THR A 182 -4.67 -18.45 3.73
N ASP A 183 -5.29 -17.70 2.83
CA ASP A 183 -6.72 -17.84 2.59
C ASP A 183 -6.63 -17.92 1.07
N SER A 184 -6.92 -19.09 0.50
CA SER A 184 -6.79 -19.21 -0.94
C SER A 184 -7.94 -18.45 -1.59
N PRO A 185 -7.76 -17.94 -2.79
CA PRO A 185 -8.91 -17.21 -3.34
C PRO A 185 -10.16 -18.01 -3.66
N LYS A 186 -11.31 -17.38 -3.52
CA LYS A 186 -12.60 -17.97 -3.92
C LYS A 186 -12.80 -17.23 -5.23
N ALA A 187 -12.84 -17.96 -6.33
CA ALA A 187 -12.94 -17.32 -7.63
C ALA A 187 -14.14 -17.72 -8.44
N HIS A 188 -14.50 -16.87 -9.39
CA HIS A 188 -15.65 -17.19 -10.23
C HIS A 188 -15.61 -16.30 -11.45
N VAL A 189 -16.38 -16.70 -12.46
CA VAL A 189 -16.38 -15.93 -13.68
C VAL A 189 -17.75 -15.35 -13.90
N THR A 190 -17.83 -14.05 -14.19
CA THR A 190 -19.13 -13.44 -14.46
C THR A 190 -19.20 -13.07 -15.96
N TYR A 191 -20.41 -12.91 -16.44
CA TYR A 191 -20.61 -12.67 -17.85
C TYR A 191 -21.40 -11.39 -18.10
N HIS A 192 -20.88 -10.53 -18.95
CA HIS A 192 -21.58 -9.30 -19.25
C HIS A 192 -21.68 -8.89 -20.73
N PRO A 193 -22.83 -9.15 -21.37
CA PRO A 193 -23.02 -8.78 -22.78
C PRO A 193 -22.66 -7.31 -22.86
N ARG A 194 -21.90 -6.94 -23.89
CA ARG A 194 -21.47 -5.56 -24.05
C ARG A 194 -22.28 -4.92 -25.19
N SER A 195 -22.41 -5.67 -26.27
CA SER A 195 -23.14 -5.22 -27.44
C SER A 195 -24.03 -6.40 -27.75
N GLN A 196 -24.15 -6.69 -29.04
CA GLN A 196 -24.91 -7.84 -29.49
C GLN A 196 -23.87 -8.60 -30.30
N VAL A 197 -22.65 -8.05 -30.27
CA VAL A 197 -21.49 -8.63 -30.95
C VAL A 197 -20.48 -9.26 -29.96
N ASP A 198 -20.13 -8.54 -28.90
CA ASP A 198 -19.18 -9.07 -27.91
C ASP A 198 -19.64 -9.05 -26.45
N VAL A 199 -18.97 -9.87 -25.63
CA VAL A 199 -19.30 -10.02 -24.22
C VAL A 199 -18.07 -9.84 -23.33
N THR A 200 -18.28 -9.31 -22.15
CA THR A 200 -17.19 -9.15 -21.22
C THR A 200 -17.12 -10.35 -20.27
N LEU A 201 -15.96 -10.98 -20.18
CA LEU A 201 -15.80 -12.09 -19.23
C LEU A 201 -14.94 -11.53 -18.12
N ARG A 202 -15.44 -11.59 -16.87
CA ARG A 202 -14.65 -11.08 -15.76
C ARG A 202 -14.32 -12.17 -14.76
N CYS A 203 -13.01 -12.40 -14.54
CA CYS A 203 -12.58 -13.42 -13.58
C CYS A 203 -12.30 -12.76 -12.22
N TRP A 204 -13.03 -13.20 -11.23
CA TRP A 204 -12.92 -12.61 -9.88
C TRP A 204 -12.14 -13.48 -8.93
N ALA A 205 -11.42 -12.86 -8.01
CA ALA A 205 -10.65 -13.62 -6.99
C ALA A 205 -10.93 -12.80 -5.73
N LEU A 206 -11.50 -13.42 -4.71
CA LEU A 206 -11.89 -12.74 -3.47
C LEU A 206 -11.40 -13.43 -2.21
N GLY A 207 -11.31 -12.65 -1.14
CA GLY A 207 -10.93 -13.16 0.16
C GLY A 207 -9.63 -13.89 0.35
N PHE A 208 -8.60 -13.48 -0.39
CA PHE A 208 -7.31 -14.09 -0.30
C PHE A 208 -6.25 -13.27 0.47
N TYR A 209 -5.24 -14.00 0.92
CA TYR A 209 -4.10 -13.45 1.65
C TYR A 209 -3.04 -14.56 1.54
N PRO A 210 -1.77 -14.23 1.28
CA PRO A 210 -1.31 -12.86 1.08
C PRO A 210 -1.85 -12.18 -0.19
N ALA A 211 -1.42 -10.94 -0.41
CA ALA A 211 -1.91 -10.17 -1.55
C ALA A 211 -1.39 -10.55 -2.94
N ASP A 212 -0.17 -11.07 -3.02
CA ASP A 212 0.38 -11.48 -4.32
C ASP A 212 -0.54 -12.57 -4.94
N ILE A 213 -0.91 -12.38 -6.19
CA ILE A 213 -1.76 -13.32 -6.92
C ILE A 213 -1.56 -13.09 -8.42
N THR A 214 -1.71 -14.13 -9.23
CA THR A 214 -1.64 -13.97 -10.68
C THR A 214 -2.94 -14.52 -11.28
N LEU A 215 -3.65 -13.64 -11.96
CA LEU A 215 -4.88 -14.00 -12.64
C LEU A 215 -4.56 -13.88 -14.13
N THR A 216 -4.83 -14.90 -14.93
CA THR A 216 -4.58 -14.79 -16.35
C THR A 216 -5.69 -15.46 -17.14
N TRP A 217 -6.02 -14.90 -18.31
CA TRP A 217 -7.03 -15.51 -19.21
C TRP A 217 -6.28 -16.22 -20.33
N GLN A 218 -6.78 -17.38 -20.74
CA GLN A 218 -6.14 -18.09 -21.84
C GLN A 218 -7.14 -18.55 -22.89
N LEU A 219 -6.65 -18.70 -24.13
CA LEU A 219 -7.45 -19.21 -25.25
C LEU A 219 -6.57 -20.24 -25.94
N ASN A 220 -7.07 -21.44 -26.16
CA ASN A 220 -6.26 -22.48 -26.80
C ASN A 220 -4.87 -22.62 -26.17
N GLY A 221 -4.80 -22.49 -24.86
CA GLY A 221 -3.53 -22.66 -24.18
C GLY A 221 -2.53 -21.52 -24.29
N GLU A 222 -2.96 -20.37 -24.77
CA GLU A 222 -2.03 -19.25 -24.87
C GLU A 222 -2.54 -18.13 -23.99
N ASP A 223 -1.64 -17.37 -23.36
CA ASP A 223 -2.02 -16.24 -22.50
C ASP A 223 -2.58 -15.10 -23.34
N LEU A 224 -3.56 -14.40 -22.78
CA LEU A 224 -4.18 -13.26 -23.45
C LEU A 224 -3.82 -12.01 -22.66
N THR A 225 -2.62 -11.98 -22.14
CA THR A 225 -2.22 -10.83 -21.37
C THR A 225 -2.42 -9.54 -22.15
N GLN A 226 -2.25 -9.56 -23.48
CA GLN A 226 -2.43 -8.32 -24.27
C GLN A 226 -3.87 -7.79 -24.36
N ASP A 227 -4.84 -8.65 -24.09
CA ASP A 227 -6.23 -8.20 -24.19
C ASP A 227 -6.90 -7.99 -22.84
N MET A 228 -6.18 -8.33 -21.77
CA MET A 228 -6.70 -8.28 -20.40
C MET A 228 -6.77 -6.89 -19.72
N GLU A 229 -7.88 -6.61 -19.06
CA GLU A 229 -8.04 -5.39 -18.27
C GLU A 229 -7.89 -5.97 -16.85
N LEU A 230 -6.87 -5.54 -16.13
CA LEU A 230 -6.55 -6.04 -14.81
C LEU A 230 -6.56 -4.94 -13.78
N VAL A 231 -7.49 -4.93 -12.81
CA VAL A 231 -7.49 -3.87 -11.79
C VAL A 231 -6.45 -4.13 -10.71
N GLU A 232 -6.03 -3.10 -10.00
CA GLU A 232 -5.05 -3.39 -9.00
C GLU A 232 -5.70 -4.11 -7.83
N THR A 233 -4.88 -4.94 -7.20
CA THR A 233 -5.31 -5.71 -6.06
C THR A 233 -5.76 -4.72 -5.01
N ARG A 234 -6.91 -4.99 -4.41
CA ARG A 234 -7.51 -4.10 -3.42
C ARG A 234 -7.89 -4.79 -2.12
N PRO A 235 -7.75 -4.08 -0.99
CA PRO A 235 -8.06 -4.61 0.35
C PRO A 235 -9.56 -4.73 0.61
N ALA A 236 -9.99 -5.86 1.15
CA ALA A 236 -11.39 -6.01 1.48
C ALA A 236 -11.68 -5.32 2.82
N GLY A 237 -10.63 -5.08 3.60
CA GLY A 237 -10.82 -4.41 4.88
C GLY A 237 -10.77 -5.37 6.07
N ASP A 238 -10.79 -6.66 5.79
CA ASP A 238 -10.74 -7.65 6.86
C ASP A 238 -9.40 -8.38 6.89
N GLY A 239 -8.41 -7.81 6.22
CA GLY A 239 -7.10 -8.44 6.17
C GLY A 239 -6.91 -9.23 4.86
N THR A 240 -8.01 -9.43 4.09
CA THR A 240 -7.96 -10.18 2.84
C THR A 240 -8.05 -9.19 1.68
N PHE A 241 -7.83 -9.70 0.46
CA PHE A 241 -7.79 -8.87 -0.73
C PHE A 241 -8.66 -9.39 -1.88
N GLN A 242 -8.87 -8.56 -2.91
CA GLN A 242 -9.71 -8.91 -4.06
C GLN A 242 -9.03 -8.42 -5.32
N LYS A 243 -9.37 -9.04 -6.45
CA LYS A 243 -8.84 -8.61 -7.72
C LYS A 243 -9.71 -9.25 -8.77
N TRP A 244 -9.73 -8.65 -9.97
CA TRP A 244 -10.46 -9.24 -11.09
C TRP A 244 -9.73 -8.89 -12.37
N ALA A 245 -9.93 -9.74 -13.38
CA ALA A 245 -9.28 -9.56 -14.67
C ALA A 245 -10.35 -9.89 -15.69
N ALA A 246 -10.53 -9.01 -16.66
CA ALA A 246 -11.57 -9.18 -17.68
C ALA A 246 -11.06 -9.16 -19.10
N VAL A 247 -11.80 -9.81 -20.00
CA VAL A 247 -11.51 -9.82 -21.44
C VAL A 247 -12.83 -9.69 -22.16
N VAL A 248 -12.80 -9.02 -23.31
CA VAL A 248 -14.00 -8.84 -24.15
C VAL A 248 -13.78 -9.79 -25.31
N VAL A 249 -14.67 -10.75 -25.47
CA VAL A 249 -14.56 -11.76 -26.50
C VAL A 249 -15.85 -11.79 -27.35
N PRO A 250 -15.88 -12.60 -28.43
CA PRO A 250 -17.07 -12.69 -29.29
C PRO A 250 -18.21 -13.50 -28.64
N LEU A 251 -19.43 -13.04 -28.85
CA LEU A 251 -20.59 -13.73 -28.32
C LEU A 251 -20.58 -15.19 -28.81
N GLY A 252 -20.94 -16.14 -27.94
CA GLY A 252 -20.96 -17.54 -28.36
C GLY A 252 -19.59 -18.24 -28.34
N LYS A 253 -18.54 -17.47 -28.07
CA LYS A 253 -17.19 -18.01 -28.00
C LYS A 253 -16.70 -18.05 -26.54
N GLU A 254 -17.53 -17.62 -25.60
CA GLU A 254 -17.07 -17.55 -24.22
C GLU A 254 -16.60 -18.86 -23.61
N GLN A 255 -17.06 -19.99 -24.15
CA GLN A 255 -16.61 -21.27 -23.61
C GLN A 255 -15.19 -21.61 -24.07
N ASN A 256 -14.61 -20.81 -24.94
CA ASN A 256 -13.22 -21.07 -25.38
C ASN A 256 -12.21 -20.53 -24.34
N TYR A 257 -12.66 -19.64 -23.46
CA TYR A 257 -11.74 -18.95 -22.54
C TYR A 257 -11.69 -19.52 -21.15
N THR A 258 -10.50 -19.57 -20.57
CA THR A 258 -10.31 -20.09 -19.22
C THR A 258 -9.52 -19.09 -18.40
N CYS A 259 -9.91 -18.93 -17.13
CA CYS A 259 -9.18 -18.02 -16.24
C CYS A 259 -8.27 -18.90 -15.41
N HIS A 260 -7.05 -18.43 -15.16
CA HIS A 260 -6.05 -19.20 -14.40
C HIS A 260 -5.65 -18.37 -13.19
N VAL A 261 -5.62 -19.04 -12.05
CA VAL A 261 -5.32 -18.35 -10.79
C VAL A 261 -4.20 -19.05 -10.06
N HIS A 262 -3.16 -18.28 -9.71
CA HIS A 262 -2.02 -18.79 -8.95
C HIS A 262 -1.97 -17.97 -7.64
N HIS A 263 -1.64 -18.64 -6.55
CA HIS A 263 -1.61 -17.98 -5.24
C HIS A 263 -0.93 -18.93 -4.26
N LYS A 264 -0.30 -18.37 -3.24
CA LYS A 264 0.41 -19.16 -2.24
C LYS A 264 -0.50 -20.16 -1.58
N GLY A 265 -1.80 -19.87 -1.47
CA GLY A 265 -2.70 -20.82 -0.85
C GLY A 265 -3.22 -21.88 -1.83
N LEU A 266 -2.75 -21.82 -3.07
CA LEU A 266 -3.17 -22.79 -4.08
C LEU A 266 -1.99 -23.70 -4.52
N PRO A 267 -1.86 -24.93 -3.95
CA PRO A 267 -0.76 -25.80 -4.37
C PRO A 267 -0.80 -26.02 -5.88
N GLU A 268 -2.01 -26.14 -6.42
CA GLU A 268 -2.20 -26.28 -7.86
C GLU A 268 -3.06 -25.07 -8.27
N PRO A 269 -2.69 -24.41 -9.36
CA PRO A 269 -3.47 -23.25 -9.83
C PRO A 269 -4.86 -23.66 -10.23
N LEU A 270 -5.78 -22.70 -10.18
CA LEU A 270 -7.15 -22.94 -10.56
C LEU A 270 -7.28 -22.73 -12.07
N THR A 271 -8.29 -23.38 -12.64
CA THR A 271 -8.60 -23.22 -14.05
C THR A 271 -10.13 -23.12 -14.06
N LEU A 272 -10.67 -21.97 -14.45
CA LEU A 272 -12.11 -21.89 -14.50
C LEU A 272 -12.65 -21.28 -15.78
N ARG A 273 -13.96 -21.38 -15.95
CA ARG A 273 -14.54 -20.80 -17.14
C ARG A 273 -15.99 -20.42 -16.84
N TRP A 274 -16.60 -19.70 -17.76
CA TRP A 274 -17.99 -19.30 -17.60
C TRP A 274 -18.84 -20.61 -17.57
N ILE B 1 6.34 15.83 -8.19
CA ILE B 1 5.56 15.11 -9.21
C ILE B 1 4.12 14.99 -8.75
N GLN B 2 3.22 14.77 -9.70
CA GLN B 2 1.81 14.61 -9.41
C GLN B 2 1.33 13.37 -10.16
N ARG B 3 0.57 12.53 -9.46
CA ARG B 3 0.01 11.30 -10.04
C ARG B 3 -1.46 11.34 -9.65
N THR B 4 -2.38 11.15 -10.60
CA THR B 4 -3.79 11.24 -10.22
C THR B 4 -4.24 9.91 -9.59
N PRO B 5 -5.17 9.96 -8.61
CA PRO B 5 -5.65 8.74 -7.96
C PRO B 5 -6.46 7.76 -8.79
N LYS B 6 -6.25 6.49 -8.54
CA LYS B 6 -7.01 5.46 -9.21
C LYS B 6 -8.03 5.33 -8.12
N ILE B 7 -9.26 4.97 -8.49
CA ILE B 7 -10.37 4.86 -7.55
C ILE B 7 -11.23 3.62 -7.77
N GLN B 8 -11.42 2.80 -6.73
CA GLN B 8 -12.30 1.61 -6.83
C GLN B 8 -13.30 1.67 -5.67
N VAL B 9 -14.58 1.44 -5.95
CA VAL B 9 -15.65 1.46 -4.91
C VAL B 9 -16.28 0.10 -4.89
N TYR B 10 -16.38 -0.53 -3.73
CA TYR B 10 -16.88 -1.91 -3.73
C TYR B 10 -17.19 -2.32 -2.33
N SER B 11 -17.83 -3.47 -2.17
CA SER B 11 -18.18 -3.94 -0.84
C SER B 11 -17.18 -5.01 -0.39
N ARG B 12 -17.08 -5.21 0.92
CA ARG B 12 -16.18 -6.22 1.49
C ARG B 12 -16.64 -7.61 1.09
N HIS B 13 -17.94 -7.85 1.27
CA HIS B 13 -18.54 -9.15 0.92
C HIS B 13 -19.53 -8.97 -0.21
N PRO B 14 -19.89 -10.08 -0.88
CA PRO B 14 -20.86 -9.94 -1.97
C PRO B 14 -22.12 -9.33 -1.35
N ALA B 15 -22.68 -8.35 -2.03
CA ALA B 15 -23.82 -7.62 -1.55
C ALA B 15 -25.13 -8.36 -1.59
N GLU B 16 -25.89 -8.23 -0.52
CA GLU B 16 -27.22 -8.83 -0.43
C GLU B 16 -28.09 -7.98 0.49
N ASN B 17 -29.08 -7.38 -0.15
CA ASN B 17 -30.03 -6.49 0.49
C ASN B 17 -30.51 -6.95 1.86
N GLY B 18 -30.30 -6.10 2.86
CA GLY B 18 -30.73 -6.43 4.20
C GLY B 18 -29.61 -7.02 5.04
N LYS B 19 -28.50 -7.35 4.40
CA LYS B 19 -27.37 -7.93 5.13
C LYS B 19 -26.26 -6.91 5.32
N SER B 20 -25.90 -6.67 6.58
CA SER B 20 -24.84 -5.72 6.91
C SER B 20 -23.56 -6.15 6.19
N ASN B 21 -22.81 -5.15 5.73
CA ASN B 21 -21.61 -5.39 4.93
C ASN B 21 -20.73 -4.14 5.17
N PHE B 22 -19.69 -3.97 4.36
CA PHE B 22 -18.86 -2.77 4.44
C PHE B 22 -18.70 -2.19 3.06
N LEU B 23 -18.84 -0.86 2.95
CA LEU B 23 -18.66 -0.18 1.68
C LEU B 23 -17.24 0.41 1.67
N ASN B 24 -16.45 0.05 0.66
CA ASN B 24 -15.07 0.49 0.51
C ASN B 24 -14.77 1.40 -0.65
N CYS B 25 -13.96 2.41 -0.41
CA CYS B 25 -13.52 3.25 -1.50
C CYS B 25 -12.00 3.22 -1.38
N TYR B 26 -11.35 2.56 -2.35
CA TYR B 26 -9.90 2.43 -2.35
C TYR B 26 -9.23 3.37 -3.34
N VAL B 27 -8.45 4.32 -2.82
CA VAL B 27 -7.75 5.28 -3.68
C VAL B 27 -6.23 4.96 -3.68
N SER B 28 -5.65 4.89 -4.86
CA SER B 28 -4.23 4.54 -4.95
C SER B 28 -3.49 5.17 -6.12
N GLY B 29 -2.16 5.06 -6.11
CA GLY B 29 -1.36 5.61 -7.20
C GLY B 29 -1.28 7.14 -7.24
N PHE B 30 -1.63 7.83 -6.16
CA PHE B 30 -1.61 9.28 -6.20
C PHE B 30 -0.44 9.95 -5.51
N HIS B 31 -0.21 11.20 -5.84
CA HIS B 31 0.87 11.99 -5.25
C HIS B 31 0.63 13.44 -5.70
N PRO B 32 0.69 14.42 -4.77
CA PRO B 32 0.97 14.33 -3.32
C PRO B 32 -0.08 13.58 -2.52
N SER B 33 0.15 13.49 -1.20
CA SER B 33 -0.75 12.74 -0.34
C SER B 33 -2.07 13.41 0.06
N ASP B 34 -2.17 14.74 -0.01
CA ASP B 34 -3.43 15.38 0.37
C ASP B 34 -4.48 14.90 -0.62
N ILE B 35 -5.57 14.39 -0.09
CA ILE B 35 -6.65 13.89 -0.90
C ILE B 35 -7.87 13.96 0.04
N GLU B 36 -9.04 14.12 -0.57
CA GLU B 36 -10.29 14.25 0.11
C GLU B 36 -11.18 13.14 -0.46
N VAL B 37 -11.70 12.29 0.41
CA VAL B 37 -12.53 11.19 -0.03
C VAL B 37 -13.80 11.11 0.81
N ASP B 38 -14.96 11.04 0.16
CA ASP B 38 -16.22 10.90 0.91
C ASP B 38 -17.00 9.73 0.34
N LEU B 39 -17.75 9.05 1.20
CA LEU B 39 -18.63 7.98 0.77
C LEU B 39 -20.02 8.63 0.84
N LEU B 40 -20.76 8.52 -0.27
CA LEU B 40 -22.12 9.11 -0.43
C LEU B 40 -23.25 8.09 -0.46
N LYS B 41 -24.38 8.41 0.18
CA LYS B 41 -25.54 7.54 0.15
C LYS B 41 -26.68 8.36 -0.43
N ASN B 42 -27.04 8.07 -1.68
CA ASN B 42 -28.08 8.78 -2.39
C ASN B 42 -27.68 10.24 -2.58
N GLY B 43 -26.40 10.45 -2.85
CA GLY B 43 -25.88 11.78 -3.07
C GLY B 43 -25.42 12.52 -1.82
N GLU B 44 -25.78 12.00 -0.66
CA GLU B 44 -25.45 12.62 0.62
C GLU B 44 -24.26 12.00 1.35
N ARG B 45 -23.36 12.85 1.85
CA ARG B 45 -22.21 12.36 2.58
C ARG B 45 -22.59 11.49 3.78
N ILE B 46 -21.97 10.32 3.85
CA ILE B 46 -22.21 9.39 4.95
C ILE B 46 -21.27 9.87 6.07
N GLU B 47 -21.72 9.76 7.33
CA GLU B 47 -20.91 10.28 8.44
C GLU B 47 -19.74 9.51 9.05
N LYS B 48 -19.98 8.33 9.60
CA LYS B 48 -18.92 7.61 10.29
C LYS B 48 -17.86 6.86 9.43
N VAL B 49 -17.38 7.47 8.35
CA VAL B 49 -16.39 6.82 7.50
C VAL B 49 -14.94 6.92 8.01
N GLU B 50 -14.29 5.77 8.15
CA GLU B 50 -12.90 5.71 8.60
C GLU B 50 -11.95 5.48 7.45
N HIS B 51 -10.65 5.55 7.73
CA HIS B 51 -9.66 5.31 6.70
C HIS B 51 -8.43 4.67 7.31
N SER B 52 -7.68 3.98 6.44
CA SER B 52 -6.48 3.26 6.83
C SER B 52 -5.40 4.33 7.06
N ASP B 53 -4.26 3.93 7.64
CA ASP B 53 -3.14 4.82 7.86
C ASP B 53 -2.40 5.00 6.52
N LEU B 54 -2.10 6.25 6.18
CA LEU B 54 -1.37 6.61 4.96
C LEU B 54 -0.14 5.70 4.72
N SER B 55 -0.10 5.09 3.55
CA SER B 55 1.03 4.20 3.24
C SER B 55 1.27 4.39 1.79
N PHE B 56 2.30 3.74 1.25
CA PHE B 56 2.62 3.92 -0.17
C PHE B 56 3.26 2.69 -0.81
N SER B 57 3.32 2.70 -2.15
CA SER B 57 3.85 1.60 -2.92
C SER B 57 5.29 1.69 -3.34
N LYS B 58 5.72 0.71 -4.08
CA LYS B 58 7.10 0.69 -4.53
C LYS B 58 7.41 1.92 -5.38
N ASP B 59 6.43 2.45 -6.09
CA ASP B 59 6.72 3.61 -6.93
C ASP B 59 6.56 4.92 -6.16
N TRP B 60 6.46 4.80 -4.82
CA TRP B 60 6.27 5.96 -3.90
C TRP B 60 4.88 6.58 -3.90
N SER B 61 4.00 6.08 -4.77
CA SER B 61 2.66 6.64 -4.85
C SER B 61 1.85 6.11 -3.69
N PHE B 62 0.99 6.98 -3.15
CA PHE B 62 0.17 6.68 -1.99
C PHE B 62 -1.08 5.82 -2.19
N TYR B 63 -1.63 5.26 -1.10
CA TYR B 63 -2.88 4.51 -1.17
C TYR B 63 -3.56 4.57 0.19
N LEU B 64 -4.90 4.62 0.17
CA LEU B 64 -5.75 4.65 1.36
C LEU B 64 -7.05 3.90 1.11
N LEU B 65 -7.59 3.31 2.18
CA LEU B 65 -8.85 2.64 2.11
C LEU B 65 -9.77 3.42 3.03
N TYR B 66 -10.87 3.92 2.47
CA TYR B 66 -11.90 4.61 3.25
C TYR B 66 -13.04 3.59 3.28
N TYR B 67 -13.69 3.50 4.43
CA TYR B 67 -14.73 2.50 4.57
C TYR B 67 -15.72 2.78 5.67
N THR B 68 -16.89 2.17 5.52
CA THR B 68 -17.94 2.31 6.50
C THR B 68 -18.86 1.11 6.44
N GLU B 69 -19.36 0.70 7.60
CA GLU B 69 -20.30 -0.42 7.66
C GLU B 69 -21.61 0.03 6.98
N PHE B 70 -22.34 -0.92 6.36
CA PHE B 70 -23.58 -0.54 5.70
C PHE B 70 -24.43 -1.74 5.31
N THR B 71 -25.68 -1.47 4.96
CA THR B 71 -26.60 -2.50 4.53
C THR B 71 -27.26 -2.07 3.24
N PRO B 72 -26.76 -2.58 2.10
CA PRO B 72 -27.31 -2.23 0.79
C PRO B 72 -28.75 -2.67 0.65
N THR B 73 -29.46 -2.01 -0.27
CA THR B 73 -30.85 -2.29 -0.60
C THR B 73 -30.85 -2.21 -2.13
N GLU B 74 -31.91 -2.66 -2.80
CA GLU B 74 -31.93 -2.61 -4.26
C GLU B 74 -31.99 -1.20 -4.83
N LYS B 75 -32.48 -0.25 -4.06
CA LYS B 75 -32.62 1.11 -4.56
C LYS B 75 -31.60 2.15 -4.11
N ASP B 76 -31.12 2.05 -2.86
CA ASP B 76 -30.15 3.01 -2.34
C ASP B 76 -28.85 3.05 -3.14
N GLU B 77 -28.52 4.22 -3.65
CA GLU B 77 -27.31 4.40 -4.44
C GLU B 77 -26.10 4.84 -3.61
N TYR B 78 -24.97 4.17 -3.83
CA TYR B 78 -23.72 4.53 -3.13
C TYR B 78 -22.63 4.98 -4.09
N ALA B 79 -21.78 5.87 -3.61
CA ALA B 79 -20.70 6.39 -4.42
C ALA B 79 -19.52 6.90 -3.59
N CYS B 80 -18.41 7.16 -4.27
CA CYS B 80 -17.22 7.68 -3.62
C CYS B 80 -16.89 8.95 -4.37
N ARG B 81 -16.61 10.03 -3.64
CA ARG B 81 -16.26 11.31 -4.26
C ARG B 81 -14.85 11.68 -3.83
N VAL B 82 -14.02 11.94 -4.81
CA VAL B 82 -12.63 12.26 -4.54
C VAL B 82 -12.15 13.55 -5.17
N ASN B 83 -11.43 14.36 -4.40
CA ASN B 83 -10.82 15.55 -4.96
C ASN B 83 -9.34 15.47 -4.64
N HIS B 84 -8.55 15.95 -5.59
CA HIS B 84 -7.12 15.90 -5.50
C HIS B 84 -6.56 17.01 -6.37
N VAL B 85 -5.39 17.53 -6.01
CA VAL B 85 -4.78 18.59 -6.79
C VAL B 85 -4.84 18.30 -8.29
N THR B 86 -4.72 17.04 -8.68
CA THR B 86 -4.73 16.65 -10.10
C THR B 86 -6.12 16.65 -10.74
N LEU B 87 -7.17 16.82 -9.95
CA LEU B 87 -8.51 16.79 -10.50
C LEU B 87 -9.08 18.22 -10.48
N SER B 88 -9.55 18.67 -11.64
CA SER B 88 -10.11 20.02 -11.76
C SER B 88 -11.44 20.17 -11.05
N GLN B 89 -12.05 19.06 -10.66
CA GLN B 89 -13.31 19.04 -9.94
C GLN B 89 -13.43 17.64 -9.33
N PRO B 90 -14.22 17.48 -8.26
CA PRO B 90 -14.36 16.17 -7.63
C PRO B 90 -14.74 15.07 -8.63
N LYS B 91 -14.17 13.89 -8.47
CA LYS B 91 -14.49 12.78 -9.33
C LYS B 91 -15.41 11.91 -8.51
N ILE B 92 -16.54 11.54 -9.08
CA ILE B 92 -17.50 10.70 -8.37
C ILE B 92 -17.55 9.35 -9.07
N VAL B 93 -17.33 8.29 -8.30
CA VAL B 93 -17.38 6.96 -8.88
C VAL B 93 -18.54 6.23 -8.21
N LYS B 94 -19.51 5.78 -9.00
CA LYS B 94 -20.66 5.10 -8.42
C LYS B 94 -20.26 3.70 -8.10
N TRP B 95 -20.95 3.12 -7.11
CA TRP B 95 -20.73 1.75 -6.68
C TRP B 95 -21.49 0.81 -7.58
N ASP B 96 -20.77 0.08 -8.42
CA ASP B 96 -21.38 -0.87 -9.33
C ASP B 96 -21.35 -2.25 -8.62
N ARG B 97 -22.51 -2.83 -8.33
CA ARG B 97 -22.54 -4.13 -7.66
C ARG B 97 -21.79 -5.22 -8.41
N ASP B 98 -21.44 -5.00 -9.69
CA ASP B 98 -20.73 -6.03 -10.46
C ASP B 98 -19.34 -5.54 -10.93
N MET B 99 -18.59 -4.92 -10.01
CA MET B 99 -17.25 -4.41 -10.28
C MET B 99 -16.48 -4.01 -8.99
N SER C 1 13.42 -2.17 16.31
CA SER C 1 12.74 -2.55 15.00
C SER C 1 12.71 -1.43 14.00
N TYR C 2 12.15 -0.30 14.41
CA TYR C 2 12.21 0.94 13.60
C TYR C 2 13.68 1.33 13.78
N VAL C 3 14.30 2.00 12.80
CA VAL C 3 15.67 2.44 13.02
C VAL C 3 15.88 3.83 12.44
N ASN C 4 16.67 4.64 13.16
CA ASN C 4 17.00 6.01 12.75
C ASN C 4 18.00 6.13 11.67
N THR C 5 17.86 7.21 10.90
CA THR C 5 18.78 7.48 9.81
C THR C 5 19.94 8.16 10.52
N ASN C 6 21.18 7.79 10.23
CA ASN C 6 22.24 8.45 10.97
C ASN C 6 22.65 9.83 10.41
N MET C 7 23.27 9.88 9.25
CA MET C 7 23.70 11.14 8.70
C MET C 7 22.62 12.06 8.12
N GLY C 8 22.90 13.37 8.18
CA GLY C 8 21.98 14.35 7.64
C GLY C 8 21.97 14.30 6.11
N LEU C 9 20.86 14.70 5.50
CA LEU C 9 20.76 14.76 4.03
C LEU C 9 21.82 15.76 3.50
#